data_4UHD
#
_entry.id   4UHD
#
_cell.length_a   43.280
_cell.length_b   43.280
_cell.length_c   227.290
_cell.angle_alpha   90.00
_cell.angle_beta   90.00
_cell.angle_gamma   120.00
#
_symmetry.space_group_name_H-M   'P 32 2 1'
#
loop_
_entity.id
_entity.type
_entity.pdbx_description
1 polymer ESTERASE
2 non-polymer 'CHLORIDE ION'
3 non-polymer 'MAGNESIUM ION'
4 non-polymer 'ACETATE ION'
5 non-polymer DI(HYDROXYETHYL)ETHER
6 water water
#
_entity_poly.entity_id   1
_entity_poly.type   'polypeptide(L)'
_entity_poly.pdbx_seq_one_letter_code
;MAQRVKITTTATPGEIELAFEDTGTGLPVLLVHGFPLDRTMWKAQREELCDEFRVIVPDLRGFGESQVIPGVATMEAMAD
DLAGLCNHLGLTGKIVLGGLSMGGYVAFAFARKYRDRLAGLILCDTRARPDSPEAKENRRRVAERVRREGPGFIAEEMIP
RLCCESTFRNHPEVIEKIRQMILSAPPEGVAAAALGMAERPDSTDLLPALSCPTLVLVGQFDAISPPEEMEAMARTIPQS
QFVVIPDAGHLPPMEQPERVTQAIREWLRKVHTEAGHHHHHH
;
_entity_poly.pdbx_strand_id   A
#
# COMPACT_ATOMS: atom_id res chain seq x y z
N ALA A 2 17.54 0.08 8.59
CA ALA A 2 16.52 1.17 8.32
C ALA A 2 17.07 2.53 8.62
N GLN A 3 16.43 3.48 8.01
CA GLN A 3 16.84 4.84 8.04
C GLN A 3 15.68 5.69 8.46
N ARG A 4 15.97 6.87 8.93
CA ARG A 4 14.94 7.88 9.12
CA ARG A 4 14.98 7.89 9.23
C ARG A 4 15.49 9.21 8.74
N VAL A 5 14.77 9.91 7.87
CA VAL A 5 15.23 11.17 7.31
CA VAL A 5 15.23 11.12 7.27
C VAL A 5 14.09 12.13 7.25
N LYS A 6 14.41 13.40 7.51
CA LYS A 6 13.50 14.54 7.24
CA LYS A 6 13.50 14.45 7.24
C LYS A 6 13.50 14.80 5.74
N ILE A 7 12.35 14.69 5.10
CA ILE A 7 12.22 14.95 3.65
CA ILE A 7 12.09 14.81 3.69
C ILE A 7 11.40 16.17 3.48
N THR A 8 11.63 16.80 2.34
CA THR A 8 10.82 17.87 1.92
CA THR A 8 10.84 17.93 1.81
C THR A 8 9.63 17.32 1.09
N THR A 9 8.41 17.75 1.44
CA THR A 9 7.19 17.29 0.80
C THR A 9 6.38 18.53 0.41
N THR A 10 5.69 18.43 -0.72
CA THR A 10 4.79 19.50 -1.12
C THR A 10 3.48 19.51 -0.34
N ALA A 11 3.18 18.45 0.37
CA ALA A 11 2.02 18.42 1.24
C ALA A 11 2.33 19.13 2.55
N THR A 12 1.28 19.61 3.23
CA THR A 12 1.39 20.02 4.61
CA THR A 12 1.47 20.07 4.58
C THR A 12 2.06 18.90 5.37
N PRO A 13 3.01 19.16 6.25
CA PRO A 13 3.48 20.47 6.73
C PRO A 13 4.80 20.88 6.09
N GLY A 14 5.11 20.37 4.90
CA GLY A 14 6.30 20.79 4.15
C GLY A 14 7.56 20.03 4.39
N GLU A 15 7.66 19.42 5.56
CA GLU A 15 8.78 18.60 5.96
CA GLU A 15 8.75 18.52 5.87
C GLU A 15 8.21 17.48 6.81
N ILE A 16 8.72 16.28 6.67
CA ILE A 16 8.26 15.17 7.49
C ILE A 16 9.39 14.19 7.63
N GLU A 17 9.48 13.58 8.80
CA GLU A 17 10.45 12.54 9.06
CA GLU A 17 10.45 12.51 9.03
C GLU A 17 9.85 11.18 8.66
N LEU A 18 10.46 10.53 7.67
CA LEU A 18 10.04 9.19 7.26
C LEU A 18 11.08 8.17 7.64
N ALA A 19 10.59 7.05 8.19
CA ALA A 19 11.40 5.86 8.38
C ALA A 19 11.24 4.98 7.16
N PHE A 20 12.33 4.34 6.71
CA PHE A 20 12.25 3.52 5.51
C PHE A 20 13.42 2.58 5.44
N GLU A 21 13.21 1.52 4.65
CA GLU A 21 14.27 0.63 4.22
CA GLU A 21 14.26 0.64 4.19
C GLU A 21 14.59 0.92 2.75
N ASP A 22 15.85 0.69 2.38
CA ASP A 22 16.33 0.92 1.01
C ASP A 22 17.41 -0.12 0.80
N THR A 23 17.10 -1.14 -0.02
CA THR A 23 17.93 -2.37 -0.09
C THR A 23 18.10 -2.75 -1.53
N GLY A 24 19.34 -2.95 -1.98
CA GLY A 24 19.62 -3.35 -3.39
C GLY A 24 20.04 -2.20 -4.25
N THR A 25 20.38 -2.54 -5.49
CA THR A 25 20.80 -1.58 -6.51
C THR A 25 20.03 -1.84 -7.81
N GLY A 26 19.95 -0.79 -8.60
CA GLY A 26 19.37 -0.86 -9.91
C GLY A 26 18.03 -0.20 -9.92
N LEU A 27 17.12 -0.85 -10.63
CA LEU A 27 15.84 -0.23 -10.90
C LEU A 27 15.14 -0.02 -9.60
N PRO A 28 14.67 1.20 -9.33
CA PRO A 28 13.98 1.43 -8.05
C PRO A 28 12.51 0.96 -8.08
N VAL A 29 12.16 0.21 -7.06
CA VAL A 29 10.82 -0.33 -6.82
C VAL A 29 10.42 0.11 -5.42
N LEU A 30 9.43 1.00 -5.33
CA LEU A 30 8.96 1.51 -4.05
CA LEU A 30 8.96 1.55 -4.08
C LEU A 30 7.68 0.82 -3.71
N LEU A 31 7.64 0.16 -2.54
CA LEU A 31 6.48 -0.63 -2.12
C LEU A 31 5.81 0.02 -0.92
N VAL A 32 4.50 0.21 -1.02
CA VAL A 32 3.69 0.97 -0.06
C VAL A 32 2.76 0.03 0.70
N HIS A 33 2.89 0.01 2.02
CA HIS A 33 2.09 -0.83 2.89
C HIS A 33 0.64 -0.40 2.96
N GLY A 34 -0.17 -1.28 3.59
CA GLY A 34 -1.57 -1.03 3.80
C GLY A 34 -1.91 -0.48 5.19
N PHE A 35 -3.21 -0.45 5.45
CA PHE A 35 -3.78 0.16 6.63
C PHE A 35 -4.21 -0.91 7.65
N PRO A 36 -3.96 -0.75 8.95
CA PRO A 36 -3.01 0.17 9.58
C PRO A 36 -1.73 -0.61 9.88
N LEU A 37 -0.94 -0.81 8.83
CA LEU A 37 0.24 -1.67 8.89
C LEU A 37 1.51 -0.81 8.87
N ASP A 38 2.62 -1.38 8.42
CA ASP A 38 3.87 -0.63 8.37
C ASP A 38 4.77 -1.31 7.32
N ARG A 39 5.96 -0.77 7.13
CA ARG A 39 6.88 -1.22 6.10
C ARG A 39 7.21 -2.70 6.19
N THR A 40 7.12 -3.28 7.38
CA THR A 40 7.49 -4.67 7.55
C THR A 40 6.55 -5.61 6.85
N MET A 41 5.37 -5.15 6.41
CA MET A 41 4.56 -6.10 5.67
CA MET A 41 4.45 -5.89 5.57
C MET A 41 5.15 -6.46 4.32
N TRP A 42 6.12 -5.68 3.81
CA TRP A 42 6.82 -6.00 2.56
C TRP A 42 8.19 -6.61 2.78
N LYS A 43 8.51 -7.02 4.01
CA LYS A 43 9.84 -7.49 4.32
CA LYS A 43 9.83 -7.55 4.36
C LYS A 43 10.33 -8.60 3.38
N ALA A 44 9.50 -9.61 3.12
CA ALA A 44 9.99 -10.73 2.34
C ALA A 44 10.37 -10.31 0.91
N GLN A 45 9.55 -9.44 0.34
CA GLN A 45 9.82 -8.98 -1.01
C GLN A 45 11.05 -8.09 -1.04
N ARG A 46 11.22 -7.21 -0.06
CA ARG A 46 12.42 -6.40 -0.03
CA ARG A 46 12.42 -6.39 0.04
C ARG A 46 13.68 -7.26 0.11
N GLU A 47 13.63 -8.26 0.99
CA GLU A 47 14.81 -9.09 1.24
C GLU A 47 15.14 -10.00 0.10
N GLU A 48 14.16 -10.35 -0.75
CA GLU A 48 14.43 -11.25 -1.87
CA GLU A 48 14.34 -11.29 -1.85
C GLU A 48 14.63 -10.55 -3.18
N LEU A 49 13.89 -9.47 -3.46
CA LEU A 49 14.03 -8.78 -4.73
C LEU A 49 15.30 -7.96 -4.82
N CYS A 50 15.96 -7.69 -3.69
CA CYS A 50 17.12 -6.85 -3.67
C CYS A 50 18.36 -7.46 -4.34
N ASP A 51 18.29 -8.73 -4.75
CA ASP A 51 19.35 -9.31 -5.55
C ASP A 51 19.35 -8.77 -6.98
N GLU A 52 18.27 -8.13 -7.39
CA GLU A 52 18.08 -7.75 -8.76
C GLU A 52 17.62 -6.30 -8.95
N PHE A 53 16.94 -5.75 -7.93
CA PHE A 53 16.32 -4.43 -7.96
CA PHE A 53 16.34 -4.40 -7.97
C PHE A 53 16.70 -3.65 -6.71
N ARG A 54 16.42 -2.36 -6.71
CA ARG A 54 16.57 -1.53 -5.49
C ARG A 54 15.18 -1.36 -4.92
N VAL A 55 14.95 -1.88 -3.73
CA VAL A 55 13.63 -1.90 -3.13
C VAL A 55 13.56 -0.92 -1.96
N ILE A 56 12.66 0.04 -2.08
CA ILE A 56 12.51 1.09 -1.08
CA ILE A 56 12.49 1.14 -1.13
C ILE A 56 11.14 0.91 -0.46
N VAL A 57 11.13 0.85 0.89
CA VAL A 57 9.90 0.51 1.62
C VAL A 57 9.75 1.47 2.79
N PRO A 58 8.94 2.51 2.65
CA PRO A 58 8.78 3.46 3.74
C PRO A 58 7.62 3.12 4.64
N ASP A 59 7.70 3.60 5.89
CA ASP A 59 6.49 3.78 6.72
C ASP A 59 5.83 5.05 6.25
N LEU A 60 4.56 4.97 5.88
CA LEU A 60 3.81 6.16 5.52
C LEU A 60 3.65 7.09 6.72
N ARG A 61 3.38 8.37 6.45
CA ARG A 61 3.10 9.31 7.52
C ARG A 61 2.08 8.72 8.48
N GLY A 62 2.38 8.83 9.77
CA GLY A 62 1.50 8.31 10.80
C GLY A 62 1.61 6.85 11.14
N PHE A 63 2.48 6.11 10.44
CA PHE A 63 2.60 4.68 10.62
C PHE A 63 4.02 4.29 10.99
N GLY A 64 4.14 3.12 11.61
CA GLY A 64 5.44 2.56 11.92
C GLY A 64 6.27 3.56 12.71
N GLU A 65 7.47 3.84 12.23
CA GLU A 65 8.39 4.75 12.87
CA GLU A 65 8.38 4.75 12.89
C GLU A 65 8.43 6.12 12.23
N SER A 66 7.51 6.41 11.28
CA SER A 66 7.47 7.71 10.66
C SER A 66 6.75 8.73 11.54
N GLN A 67 7.02 10.01 11.29
CA GLN A 67 6.35 11.09 12.00
C GLN A 67 4.83 11.01 11.79
N VAL A 68 4.12 11.31 12.88
CA VAL A 68 2.66 11.43 12.86
C VAL A 68 2.25 12.85 12.59
N ILE A 69 1.41 13.05 11.58
CA ILE A 69 0.87 14.40 11.26
C ILE A 69 -0.61 14.37 11.56
N PRO A 70 -1.03 14.84 12.74
N PRO A 70 -1.01 15.18 12.59
CA PRO A 70 -2.44 14.93 13.03
CA PRO A 70 -2.39 15.13 13.07
C PRO A 70 -3.30 15.71 12.00
C PRO A 70 -3.37 15.77 12.11
N GLY A 71 -4.57 15.22 12.02
CA GLY A 71 -5.66 15.77 11.27
C GLY A 71 -6.15 14.78 10.23
N VAL A 72 -5.95 15.13 8.99
CA VAL A 72 -6.33 14.29 7.88
C VAL A 72 -5.08 14.03 7.06
N ALA A 73 -4.79 12.76 6.81
CA ALA A 73 -3.65 12.31 5.97
C ALA A 73 -4.26 11.83 4.66
N THR A 74 -4.34 12.75 3.69
CA THR A 74 -4.94 12.40 2.42
C THR A 74 -4.04 11.46 1.65
N MET A 75 -4.65 10.74 0.68
CA MET A 75 -3.85 9.88 -0.19
C MET A 75 -2.86 10.71 -1.00
N GLU A 76 -3.29 11.90 -1.42
CA GLU A 76 -2.43 12.86 -2.11
CA GLU A 76 -2.36 12.75 -2.14
C GLU A 76 -1.22 13.22 -1.26
N ALA A 77 -1.46 13.56 0.01
CA ALA A 77 -0.35 13.94 0.87
C ALA A 77 0.63 12.80 1.02
N MET A 78 0.12 11.57 1.17
CA MET A 78 0.99 10.43 1.27
C MET A 78 1.84 10.28 -0.02
N ALA A 79 1.20 10.46 -1.18
CA ALA A 79 1.92 10.42 -2.45
C ALA A 79 2.98 11.52 -2.56
N ASP A 80 2.63 12.73 -2.11
CA ASP A 80 3.58 13.82 -2.11
C ASP A 80 4.81 13.46 -1.27
N ASP A 81 4.58 12.82 -0.13
CA ASP A 81 5.70 12.40 0.69
C ASP A 81 6.59 11.39 -0.05
N LEU A 82 5.97 10.47 -0.79
CA LEU A 82 6.78 9.52 -1.57
C LEU A 82 7.61 10.23 -2.63
N ALA A 83 7.03 11.22 -3.32
CA ALA A 83 7.81 11.98 -4.28
C ALA A 83 8.99 12.66 -3.59
N GLY A 84 8.74 13.22 -2.41
CA GLY A 84 9.81 13.86 -1.64
C GLY A 84 10.90 12.91 -1.21
N LEU A 85 10.53 11.69 -0.85
CA LEU A 85 11.51 10.68 -0.49
C LEU A 85 12.37 10.32 -1.69
N CYS A 86 11.72 10.09 -2.83
CA CYS A 86 12.49 9.78 -4.02
CA CYS A 86 12.41 9.84 -4.10
C CYS A 86 13.42 10.95 -4.37
N ASN A 87 12.94 12.19 -4.25
CA ASN A 87 13.83 13.33 -4.45
C ASN A 87 15.03 13.28 -3.52
N HIS A 88 14.77 13.09 -2.23
CA HIS A 88 15.88 13.00 -1.21
CA HIS A 88 15.85 13.08 -1.30
C HIS A 88 16.91 11.99 -1.64
N LEU A 89 16.46 10.82 -2.08
CA LEU A 89 17.35 9.74 -2.43
C LEU A 89 18.03 9.92 -3.76
N GLY A 90 17.69 10.95 -4.52
CA GLY A 90 18.27 11.16 -5.83
C GLY A 90 17.64 10.30 -6.93
N LEU A 91 16.47 9.75 -6.65
CA LEU A 91 15.63 8.94 -7.58
CA LEU A 91 15.63 8.95 -7.53
C LEU A 91 14.62 9.91 -8.19
N THR A 92 15.17 10.78 -9.02
CA THR A 92 14.41 11.93 -9.56
C THR A 92 13.85 11.65 -10.96
N GLY A 93 14.09 10.43 -11.46
CA GLY A 93 13.54 9.96 -12.75
C GLY A 93 12.38 9.02 -12.49
N LYS A 94 12.35 7.88 -13.20
CA LYS A 94 11.22 6.91 -13.08
CA LYS A 94 11.20 6.95 -13.05
C LYS A 94 11.44 5.84 -12.04
N ILE A 95 10.36 5.42 -11.42
CA ILE A 95 10.33 4.34 -10.49
C ILE A 95 9.19 3.38 -10.89
N VAL A 96 9.23 2.19 -10.33
CA VAL A 96 8.04 1.36 -10.24
C VAL A 96 7.46 1.58 -8.84
N LEU A 97 6.16 1.84 -8.78
CA LEU A 97 5.47 2.08 -7.52
C LEU A 97 4.44 0.97 -7.30
N GLY A 98 4.54 0.28 -6.16
CA GLY A 98 3.60 -0.75 -5.81
C GLY A 98 2.91 -0.40 -4.51
N GLY A 99 1.66 -0.85 -4.34
CA GLY A 99 0.97 -0.65 -3.10
C GLY A 99 -0.04 -1.72 -2.87
N LEU A 100 -0.31 -1.99 -1.58
CA LEU A 100 -1.36 -2.93 -1.17
C LEU A 100 -2.47 -2.18 -0.47
N SER A 101 -3.71 -2.35 -0.97
CA SER A 101 -4.94 -1.84 -0.36
C SER A 101 -4.87 -0.33 -0.17
N MET A 102 -4.78 0.23 1.05
CA MET A 102 -4.56 1.68 1.17
C MET A 102 -3.35 2.12 0.37
N GLY A 103 -2.30 1.31 0.34
CA GLY A 103 -1.14 1.68 -0.44
C GLY A 103 -1.44 1.78 -1.94
N GLY A 104 -2.40 0.99 -2.41
CA GLY A 104 -2.91 1.17 -3.77
C GLY A 104 -3.63 2.49 -3.97
N TYR A 105 -4.38 2.94 -2.95
CA TYR A 105 -4.99 4.26 -3.03
C TYR A 105 -3.92 5.34 -3.15
N VAL A 106 -2.83 5.20 -2.40
CA VAL A 106 -1.72 6.13 -2.48
C VAL A 106 -1.11 6.08 -3.89
N ALA A 107 -0.95 4.87 -4.43
CA ALA A 107 -0.40 4.74 -5.79
C ALA A 107 -1.27 5.45 -6.82
N PHE A 108 -2.60 5.35 -6.69
CA PHE A 108 -3.45 6.11 -7.61
C PHE A 108 -3.22 7.61 -7.47
N ALA A 109 -3.12 8.09 -6.23
CA ALA A 109 -2.89 9.51 -6.01
C ALA A 109 -1.57 9.96 -6.63
N PHE A 110 -0.55 9.10 -6.52
CA PHE A 110 0.76 9.38 -7.12
C PHE A 110 0.65 9.41 -8.64
N ALA A 111 -0.05 8.44 -9.23
CA ALA A 111 -0.19 8.39 -10.68
C ALA A 111 -0.90 9.62 -11.22
N ARG A 112 -1.88 10.16 -10.48
CA ARG A 112 -2.59 11.39 -10.88
CA ARG A 112 -2.58 11.35 -10.98
C ARG A 112 -1.66 12.53 -11.05
N LYS A 113 -0.74 12.65 -10.11
CA LYS A 113 0.02 13.86 -9.92
CA LYS A 113 0.04 13.88 -9.95
C LYS A 113 1.44 13.80 -10.47
N TYR A 114 2.02 12.62 -10.47
CA TYR A 114 3.43 12.39 -10.80
C TYR A 114 3.59 11.32 -11.93
N ARG A 115 2.73 11.38 -12.95
CA ARG A 115 2.69 10.38 -14.02
CA ARG A 115 2.70 10.36 -13.99
C ARG A 115 4.07 10.19 -14.66
N ASP A 116 4.79 11.30 -14.85
CA ASP A 116 6.08 11.21 -15.53
CA ASP A 116 6.10 11.29 -15.49
C ASP A 116 7.16 10.51 -14.71
N ARG A 117 6.89 10.24 -13.43
CA ARG A 117 7.82 9.52 -12.56
CA ARG A 117 7.79 9.54 -12.53
C ARG A 117 7.59 8.02 -12.54
N LEU A 118 6.60 7.53 -13.28
CA LEU A 118 6.27 6.08 -13.21
C LEU A 118 6.73 5.30 -14.43
N ALA A 119 7.53 4.28 -14.21
CA ALA A 119 7.81 3.25 -15.20
C ALA A 119 6.80 2.12 -15.13
N GLY A 120 6.10 1.98 -14.00
CA GLY A 120 5.17 0.88 -13.82
C GLY A 120 4.45 1.03 -12.49
N LEU A 121 3.33 0.33 -12.39
CA LEU A 121 2.49 0.30 -11.18
CA LEU A 121 2.48 0.34 -11.23
C LEU A 121 2.21 -1.11 -10.82
N ILE A 122 2.23 -1.39 -9.50
CA ILE A 122 1.82 -2.69 -8.96
C ILE A 122 0.67 -2.41 -8.00
N LEU A 123 -0.52 -2.91 -8.34
CA LEU A 123 -1.73 -2.67 -7.55
C LEU A 123 -2.14 -3.99 -6.93
N CYS A 124 -1.94 -4.12 -5.62
CA CYS A 124 -2.25 -5.36 -4.92
C CYS A 124 -3.46 -5.15 -4.04
N ASP A 125 -4.47 -6.02 -4.18
CA ASP A 125 -5.51 -6.12 -3.15
C ASP A 125 -6.07 -4.74 -2.81
N THR A 126 -6.59 -4.07 -3.85
CA THR A 126 -7.03 -2.70 -3.72
C THR A 126 -8.22 -2.46 -4.64
N ARG A 127 -8.73 -1.23 -4.63
CA ARG A 127 -9.97 -0.86 -5.27
CA ARG A 127 -9.88 -0.88 -5.44
C ARG A 127 -9.81 0.55 -5.86
N ALA A 128 -10.44 0.81 -6.99
CA ALA A 128 -10.45 2.13 -7.60
C ALA A 128 -11.59 3.01 -7.15
N ARG A 129 -12.70 2.42 -6.75
CA ARG A 129 -13.85 3.20 -6.30
CA ARG A 129 -13.84 3.22 -6.30
CA ARG A 129 -13.84 3.22 -6.30
C ARG A 129 -13.49 4.00 -5.02
N PRO A 130 -14.19 5.10 -4.78
CA PRO A 130 -14.07 5.80 -3.49
C PRO A 130 -14.89 5.08 -2.45
N ASP A 131 -14.83 5.56 -1.21
CA ASP A 131 -15.73 5.03 -0.19
C ASP A 131 -17.18 5.39 -0.49
N SER A 132 -18.08 4.47 -0.25
CA SER A 132 -19.51 4.75 -0.21
C SER A 132 -19.82 5.63 0.99
N PRO A 133 -21.02 6.22 1.04
CA PRO A 133 -21.33 7.05 2.22
C PRO A 133 -21.22 6.29 3.54
N GLU A 134 -21.68 5.05 3.60
CA GLU A 134 -21.59 4.28 4.82
CA GLU A 134 -21.58 4.33 4.85
C GLU A 134 -20.13 3.99 5.16
N ALA A 135 -19.31 3.70 4.16
CA ALA A 135 -17.92 3.48 4.42
C ALA A 135 -17.24 4.73 4.95
N LYS A 136 -17.58 5.90 4.41
CA LYS A 136 -17.01 7.14 4.91
CA LYS A 136 -17.02 7.16 4.91
C LYS A 136 -17.37 7.34 6.37
N GLU A 137 -18.63 7.08 6.71
CA GLU A 137 -19.05 7.23 8.10
C GLU A 137 -18.31 6.26 9.00
N ASN A 138 -18.10 5.03 8.52
CA ASN A 138 -17.31 4.06 9.29
CA ASN A 138 -17.36 4.07 9.31
C ASN A 138 -15.91 4.57 9.54
N ARG A 139 -15.27 5.20 8.54
CA ARG A 139 -13.93 5.82 8.74
CA ARG A 139 -13.93 5.63 8.80
C ARG A 139 -13.95 6.77 9.86
N ARG A 140 -14.97 7.62 9.86
CA ARG A 140 -15.02 8.65 10.83
CA ARG A 140 -15.11 8.68 10.87
C ARG A 140 -15.21 8.06 12.24
N ARG A 141 -16.05 7.04 12.35
CA ARG A 141 -16.26 6.44 13.64
CA ARG A 141 -16.29 6.21 13.60
C ARG A 141 -14.97 5.71 14.12
N VAL A 142 -14.26 5.04 13.22
CA VAL A 142 -12.99 4.43 13.55
C VAL A 142 -11.97 5.46 14.01
N ALA A 143 -11.87 6.56 13.28
CA ALA A 143 -10.94 7.61 13.65
C ALA A 143 -11.19 8.15 15.05
N GLU A 144 -12.44 8.44 15.34
CA GLU A 144 -12.75 9.07 16.61
CA GLU A 144 -12.80 9.01 16.59
CA GLU A 144 -12.79 9.04 16.62
C GLU A 144 -12.44 8.08 17.74
N ARG A 145 -12.74 6.79 17.56
CA ARG A 145 -12.43 5.86 18.58
CA ARG A 145 -12.51 5.67 18.55
C ARG A 145 -11.00 5.47 18.73
N VAL A 146 -10.28 5.25 17.63
CA VAL A 146 -8.88 4.83 17.76
C VAL A 146 -8.07 5.90 18.44
N ARG A 147 -8.42 7.16 18.25
CA ARG A 147 -7.68 8.25 18.91
CA ARG A 147 -7.62 8.20 18.86
C ARG A 147 -7.60 8.05 20.37
N ARG A 148 -8.73 7.62 20.93
CA ARG A 148 -8.83 7.44 22.39
CA ARG A 148 -8.86 7.49 22.36
CA ARG A 148 -8.93 7.45 22.36
C ARG A 148 -8.53 6.04 22.88
N GLU A 149 -8.94 5.02 22.16
CA GLU A 149 -8.90 3.63 22.59
CA GLU A 149 -8.84 3.64 22.65
C GLU A 149 -7.69 2.84 22.08
N GLY A 150 -7.02 3.38 21.06
CA GLY A 150 -5.98 2.66 20.34
C GLY A 150 -6.58 1.58 19.44
N PRO A 151 -5.72 0.90 18.68
CA PRO A 151 -6.14 0.02 17.58
C PRO A 151 -6.50 -1.40 17.94
N GLY A 152 -6.58 -1.75 19.21
CA GLY A 152 -6.99 -3.10 19.55
C GLY A 152 -8.29 -3.55 18.90
N PHE A 153 -9.29 -2.67 18.89
CA PHE A 153 -10.57 -3.04 18.31
C PHE A 153 -10.46 -3.29 16.82
N ILE A 154 -9.52 -2.59 16.17
CA ILE A 154 -9.28 -2.77 14.74
C ILE A 154 -8.66 -4.15 14.50
N ALA A 155 -7.69 -4.54 15.29
CA ALA A 155 -7.12 -5.87 15.15
C ALA A 155 -8.20 -6.95 15.33
N GLU A 156 -9.04 -6.75 16.34
CA GLU A 156 -10.10 -7.75 16.58
CA GLU A 156 -10.12 -7.72 16.62
C GLU A 156 -11.05 -7.90 15.39
N GLU A 157 -11.44 -6.78 14.80
CA GLU A 157 -12.36 -6.83 13.69
CA GLU A 157 -12.37 -6.75 13.67
C GLU A 157 -11.69 -7.26 12.39
N MET A 158 -10.46 -6.80 12.16
CA MET A 158 -9.82 -6.95 10.83
CA MET A 158 -9.88 -7.01 10.84
C MET A 158 -9.12 -8.29 10.66
N ILE A 159 -8.47 -8.80 11.70
CA ILE A 159 -7.63 -10.02 11.56
CA ILE A 159 -7.65 -9.99 11.46
C ILE A 159 -8.41 -11.14 10.82
N PRO A 160 -9.66 -11.44 11.25
CA PRO A 160 -10.41 -12.52 10.54
C PRO A 160 -10.72 -12.29 9.07
N ARG A 161 -10.66 -11.03 8.64
CA ARG A 161 -10.93 -10.64 7.27
CA ARG A 161 -10.93 -10.61 7.29
C ARG A 161 -9.67 -10.46 6.45
N LEU A 162 -8.50 -10.39 7.10
CA LEU A 162 -7.26 -10.05 6.41
C LEU A 162 -6.57 -11.22 5.76
N CYS A 163 -6.73 -12.43 6.31
CA CYS A 163 -5.99 -13.60 5.84
C CYS A 163 -6.94 -14.74 5.64
N CYS A 164 -6.54 -15.68 4.79
CA CYS A 164 -7.32 -16.88 4.56
C CYS A 164 -7.10 -17.93 5.64
N GLU A 165 -8.02 -18.88 5.69
CA GLU A 165 -7.98 -19.95 6.66
CA GLU A 165 -7.94 -19.96 6.70
C GLU A 165 -6.65 -20.70 6.65
N SER A 166 -6.13 -20.97 5.46
CA SER A 166 -4.88 -21.69 5.37
CA SER A 166 -4.88 -21.71 5.42
C SER A 166 -3.73 -20.95 6.08
N THR A 167 -3.74 -19.62 6.05
CA THR A 167 -2.71 -18.88 6.78
C THR A 167 -2.84 -19.07 8.27
N PHE A 168 -4.05 -19.01 8.80
CA PHE A 168 -4.23 -19.27 10.23
C PHE A 168 -3.72 -20.65 10.62
N ARG A 169 -3.94 -21.63 9.78
CA ARG A 169 -3.56 -23.02 10.07
C ARG A 169 -2.05 -23.20 9.96
N ASN A 170 -1.49 -22.75 8.84
CA ASN A 170 -0.09 -23.07 8.52
C ASN A 170 0.90 -22.04 8.97
N HIS A 171 0.44 -20.80 9.19
CA HIS A 171 1.34 -19.68 9.52
C HIS A 171 0.79 -18.82 10.62
N PRO A 172 0.57 -19.40 11.81
CA PRO A 172 0.12 -18.57 12.93
C PRO A 172 1.11 -17.44 13.24
N GLU A 173 2.39 -17.62 12.95
CA GLU A 173 3.36 -16.55 13.16
C GLU A 173 3.11 -15.34 12.28
N VAL A 174 2.57 -15.58 11.08
CA VAL A 174 2.21 -14.46 10.20
C VAL A 174 1.03 -13.69 10.77
N ILE A 175 0.03 -14.41 11.26
CA ILE A 175 -1.10 -13.76 11.91
C ILE A 175 -0.60 -12.90 13.07
N GLU A 176 0.31 -13.43 13.90
CA GLU A 176 0.78 -12.66 15.05
CA GLU A 176 0.77 -12.68 15.06
C GLU A 176 1.57 -11.45 14.61
N LYS A 177 2.37 -11.56 13.55
CA LYS A 177 3.14 -10.40 13.03
CA LYS A 177 3.11 -10.41 13.08
C LYS A 177 2.16 -9.31 12.61
N ILE A 178 1.10 -9.69 11.90
CA ILE A 178 0.11 -8.71 11.47
C ILE A 178 -0.58 -8.07 12.66
N ARG A 179 -0.94 -8.91 13.63
CA ARG A 179 -1.59 -8.37 14.83
CA ARG A 179 -1.55 -8.41 14.85
C ARG A 179 -0.68 -7.33 15.49
N GLN A 180 0.61 -7.62 15.64
CA GLN A 180 1.49 -6.65 16.28
CA GLN A 180 1.54 -6.67 16.25
C GLN A 180 1.66 -5.39 15.46
N MET A 181 1.66 -5.49 14.10
CA MET A 181 1.70 -4.28 13.29
CA MET A 181 1.68 -4.27 13.31
C MET A 181 0.50 -3.37 13.64
N ILE A 182 -0.68 -3.97 13.69
CA ILE A 182 -1.89 -3.18 13.96
C ILE A 182 -1.83 -2.60 15.38
N LEU A 183 -1.49 -3.45 16.36
CA LEU A 183 -1.52 -3.01 17.74
C LEU A 183 -0.54 -1.88 18.00
N SER A 184 0.55 -1.84 17.24
CA SER A 184 1.61 -0.85 17.38
CA SER A 184 1.55 -0.80 17.46
C SER A 184 1.37 0.40 16.54
N ALA A 185 0.32 0.44 15.73
CA ALA A 185 0.13 1.57 14.83
C ALA A 185 -0.20 2.82 15.66
N PRO A 186 0.43 3.97 15.40
CA PRO A 186 0.16 5.17 16.20
C PRO A 186 -1.30 5.55 16.15
N PRO A 187 -1.99 5.76 17.28
CA PRO A 187 -3.42 6.04 17.22
C PRO A 187 -3.81 7.22 16.35
N GLU A 188 -3.09 8.35 16.44
CA GLU A 188 -3.39 9.52 15.64
CA GLU A 188 -3.47 9.49 15.63
C GLU A 188 -3.10 9.26 14.17
N GLY A 189 -2.07 8.48 13.88
CA GLY A 189 -1.75 8.13 12.51
C GLY A 189 -2.85 7.31 11.87
N VAL A 190 -3.39 6.36 12.63
CA VAL A 190 -4.51 5.55 12.17
C VAL A 190 -5.71 6.46 11.89
N ALA A 191 -6.02 7.33 12.85
CA ALA A 191 -7.16 8.23 12.68
C ALA A 191 -7.01 9.11 11.46
N ALA A 192 -5.83 9.73 11.30
CA ALA A 192 -5.62 10.66 10.19
C ALA A 192 -5.77 9.94 8.85
N ALA A 193 -5.26 8.72 8.75
CA ALA A 193 -5.36 7.96 7.51
C ALA A 193 -6.78 7.48 7.24
N ALA A 194 -7.51 7.10 8.29
CA ALA A 194 -8.92 6.75 8.10
C ALA A 194 -9.69 7.93 7.52
N LEU A 195 -9.50 9.11 8.08
CA LEU A 195 -10.18 10.30 7.54
C LEU A 195 -9.69 10.57 6.11
N GLY A 196 -8.40 10.39 5.86
CA GLY A 196 -7.90 10.59 4.50
C GLY A 196 -8.52 9.65 3.50
N MET A 197 -8.66 8.39 3.88
CA MET A 197 -9.28 7.44 2.96
C MET A 197 -10.70 7.84 2.66
N ALA A 198 -11.43 8.34 3.65
CA ALA A 198 -12.81 8.78 3.40
C ALA A 198 -12.90 9.86 2.37
N GLU A 199 -11.89 10.71 2.28
CA GLU A 199 -11.99 11.79 1.29
CA GLU A 199 -11.79 11.87 1.38
C GLU A 199 -11.26 11.54 0.00
N ARG A 200 -10.75 10.32 -0.23
CA ARG A 200 -10.04 10.07 -1.48
C ARG A 200 -11.04 10.15 -2.65
N PRO A 201 -10.55 10.59 -3.80
CA PRO A 201 -11.42 10.64 -4.98
C PRO A 201 -11.65 9.27 -5.57
N ASP A 202 -12.66 9.22 -6.43
CA ASP A 202 -12.90 8.07 -7.30
C ASP A 202 -11.77 7.95 -8.32
N SER A 203 -11.12 6.80 -8.39
CA SER A 203 -10.09 6.53 -9.38
C SER A 203 -10.59 5.74 -10.58
N THR A 204 -11.89 5.54 -10.70
CA THR A 204 -12.41 4.76 -11.81
C THR A 204 -11.93 5.32 -13.15
N ASP A 205 -12.09 6.62 -13.35
CA ASP A 205 -11.76 7.21 -14.66
C ASP A 205 -10.25 7.41 -14.83
N LEU A 206 -9.47 7.34 -13.74
CA LEU A 206 -8.03 7.38 -13.86
C LEU A 206 -7.50 6.14 -14.59
N LEU A 207 -8.14 4.99 -14.37
CA LEU A 207 -7.52 3.77 -14.84
CA LEU A 207 -7.61 3.70 -14.85
C LEU A 207 -7.29 3.71 -16.35
N PRO A 208 -8.25 4.13 -17.21
CA PRO A 208 -7.99 4.12 -18.64
CA PRO A 208 -7.97 4.10 -18.64
C PRO A 208 -6.95 5.12 -19.07
N ALA A 209 -6.63 6.09 -18.21
CA ALA A 209 -5.67 7.11 -18.48
C ALA A 209 -4.31 6.79 -18.05
N LEU A 210 -4.09 5.64 -17.43
CA LEU A 210 -2.76 5.29 -17.01
C LEU A 210 -1.81 5.12 -18.23
N SER A 211 -0.56 5.44 -18.01
CA SER A 211 0.41 5.48 -19.09
C SER A 211 1.61 4.61 -18.87
N CYS A 212 1.49 3.61 -17.98
CA CYS A 212 2.60 2.70 -17.71
C CYS A 212 2.06 1.25 -17.59
N PRO A 213 2.89 0.24 -17.79
CA PRO A 213 2.52 -1.14 -17.46
CA PRO A 213 2.47 -1.12 -17.48
C PRO A 213 2.04 -1.24 -16.02
N THR A 214 1.04 -2.07 -15.79
CA THR A 214 0.46 -2.25 -14.46
C THR A 214 0.25 -3.74 -14.17
N LEU A 215 0.78 -4.18 -13.06
CA LEU A 215 0.52 -5.53 -12.52
C LEU A 215 -0.60 -5.39 -11.49
N VAL A 216 -1.64 -6.18 -11.66
CA VAL A 216 -2.81 -6.22 -10.77
C VAL A 216 -2.78 -7.57 -10.08
N LEU A 217 -2.60 -7.59 -8.76
CA LEU A 217 -2.35 -8.81 -8.00
C LEU A 217 -3.38 -8.91 -6.89
N VAL A 218 -3.91 -10.12 -6.70
CA VAL A 218 -4.93 -10.32 -5.67
C VAL A 218 -4.82 -11.71 -5.10
N GLY A 219 -5.10 -11.85 -3.80
CA GLY A 219 -5.23 -13.17 -3.23
C GLY A 219 -6.49 -13.86 -3.70
N GLN A 220 -6.39 -15.18 -3.94
CA GLN A 220 -7.53 -15.97 -4.37
C GLN A 220 -8.72 -15.83 -3.45
N PHE A 221 -8.45 -15.66 -2.15
CA PHE A 221 -9.48 -15.65 -1.12
C PHE A 221 -9.63 -14.29 -0.44
N ASP A 222 -9.21 -13.21 -1.14
CA ASP A 222 -9.29 -11.88 -0.55
C ASP A 222 -10.72 -11.48 -0.30
N ALA A 223 -11.06 -11.29 1.00
CA ALA A 223 -12.39 -10.96 1.45
C ALA A 223 -12.72 -9.47 1.41
N ILE A 224 -11.74 -8.64 1.22
CA ILE A 224 -11.87 -7.18 1.35
C ILE A 224 -11.90 -6.49 -0.02
N SER A 225 -10.98 -6.89 -0.89
CA SER A 225 -10.90 -6.42 -2.29
C SER A 225 -10.93 -7.69 -3.14
N PRO A 226 -12.13 -8.22 -3.43
CA PRO A 226 -12.21 -9.57 -3.98
C PRO A 226 -11.62 -9.72 -5.36
N PRO A 227 -11.21 -10.93 -5.72
CA PRO A 227 -10.63 -11.12 -7.03
C PRO A 227 -11.50 -10.76 -8.20
N GLU A 228 -12.80 -11.00 -8.12
CA GLU A 228 -13.69 -10.63 -9.22
CA GLU A 228 -13.68 -10.66 -9.24
C GLU A 228 -13.72 -9.13 -9.45
N GLU A 229 -13.66 -8.37 -8.36
CA GLU A 229 -13.61 -6.93 -8.47
CA GLU A 229 -13.65 -6.93 -8.48
C GLU A 229 -12.31 -6.45 -9.06
N MET A 230 -11.20 -7.03 -8.62
CA MET A 230 -9.92 -6.65 -9.15
C MET A 230 -9.76 -7.05 -10.62
N GLU A 231 -10.34 -8.17 -11.03
CA GLU A 231 -10.33 -8.55 -12.43
CA GLU A 231 -10.28 -8.53 -12.44
C GLU A 231 -11.04 -7.51 -13.28
N ALA A 232 -12.19 -7.07 -12.78
CA ALA A 232 -12.95 -6.05 -13.48
C ALA A 232 -12.15 -4.76 -13.55
N MET A 233 -11.45 -4.40 -12.49
CA MET A 233 -10.60 -3.23 -12.50
CA MET A 233 -10.55 -3.23 -12.53
C MET A 233 -9.54 -3.35 -13.60
N ALA A 234 -8.89 -4.49 -13.68
CA ALA A 234 -7.82 -4.73 -14.67
C ALA A 234 -8.34 -4.61 -16.09
N ARG A 235 -9.61 -4.90 -16.33
CA ARG A 235 -10.17 -4.79 -17.68
CA ARG A 235 -10.18 -4.77 -17.67
CA ARG A 235 -10.19 -4.75 -17.67
C ARG A 235 -10.26 -3.33 -18.19
N THR A 236 -10.06 -2.35 -17.32
CA THR A 236 -10.08 -0.94 -17.71
CA THR A 236 -10.08 -0.92 -17.59
C THR A 236 -8.68 -0.33 -17.69
N ILE A 237 -7.65 -1.10 -17.33
CA ILE A 237 -6.28 -0.59 -17.27
C ILE A 237 -5.53 -1.06 -18.49
N PRO A 238 -4.97 -0.15 -19.31
N PRO A 238 -5.01 -0.15 -19.31
CA PRO A 238 -4.14 -0.59 -20.42
CA PRO A 238 -4.65 -0.52 -20.69
C PRO A 238 -2.85 -1.23 -19.94
C PRO A 238 -3.54 -1.55 -20.94
N GLN A 239 -2.30 -2.10 -20.77
N GLN A 239 -2.48 -1.53 -20.12
CA GLN A 239 -1.05 -2.79 -20.43
CA GLN A 239 -1.35 -2.43 -20.29
C GLN A 239 -1.10 -3.41 -19.02
C GLN A 239 -1.19 -3.27 -19.02
N SER A 240 -2.22 -4.05 -18.72
CA SER A 240 -2.35 -4.75 -17.44
C SER A 240 -1.95 -6.20 -17.55
N GLN A 241 -1.46 -6.73 -16.44
CA GLN A 241 -1.30 -8.16 -16.22
CA GLN A 241 -1.35 -8.17 -16.25
C GLN A 241 -2.00 -8.48 -14.92
N PHE A 242 -2.84 -9.50 -14.90
CA PHE A 242 -3.65 -9.86 -13.73
C PHE A 242 -3.16 -11.18 -13.19
N VAL A 243 -2.88 -11.22 -11.90
CA VAL A 243 -2.34 -12.41 -11.21
CA VAL A 243 -2.41 -12.44 -11.25
C VAL A 243 -3.17 -12.69 -9.96
N VAL A 244 -3.66 -13.91 -9.84
CA VAL A 244 -4.32 -14.38 -8.63
C VAL A 244 -3.33 -15.28 -7.89
N ILE A 245 -3.08 -14.98 -6.62
CA ILE A 245 -2.16 -15.73 -5.79
C ILE A 245 -2.96 -16.78 -5.01
N PRO A 246 -2.72 -18.09 -5.24
CA PRO A 246 -3.52 -19.08 -4.54
CA PRO A 246 -3.49 -19.11 -4.54
C PRO A 246 -3.24 -19.06 -3.05
N ASP A 247 -4.29 -19.43 -2.33
N ASP A 247 -4.20 -19.55 -2.23
CA ASP A 247 -4.10 -19.79 -0.95
CA ASP A 247 -4.03 -19.64 -0.72
C ASP A 247 -3.56 -18.54 -0.18
C ASP A 247 -3.58 -18.42 0.00
N ALA A 248 -4.13 -17.34 -0.49
CA ALA A 248 -3.91 -16.07 0.18
C ALA A 248 -5.23 -15.33 0.23
N GLY A 249 -5.39 -14.56 1.29
CA GLY A 249 -6.48 -13.61 1.41
C GLY A 249 -6.04 -12.22 0.97
N HIS A 250 -6.28 -11.23 1.85
CA HIS A 250 -6.02 -9.83 1.52
C HIS A 250 -4.57 -9.40 1.67
N LEU A 251 -3.73 -10.26 2.28
CA LEU A 251 -2.31 -9.93 2.45
C LEU A 251 -1.37 -10.94 1.79
N PRO A 252 -1.51 -11.16 0.47
CA PRO A 252 -0.58 -12.07 -0.18
C PRO A 252 0.91 -11.87 0.12
N PRO A 253 1.43 -10.63 0.21
CA PRO A 253 2.88 -10.51 0.44
C PRO A 253 3.37 -11.24 1.68
N MET A 254 2.51 -11.28 2.72
CA MET A 254 2.84 -12.00 3.93
CA MET A 254 2.77 -11.96 3.99
C MET A 254 2.35 -13.43 3.96
N GLU A 255 1.23 -13.73 3.32
CA GLU A 255 0.64 -15.06 3.35
C GLU A 255 1.33 -16.04 2.39
N GLN A 256 1.73 -15.52 1.23
CA GLN A 256 2.36 -16.33 0.16
C GLN A 256 3.54 -15.53 -0.35
N PRO A 257 4.56 -15.33 0.49
CA PRO A 257 5.60 -14.38 0.14
C PRO A 257 6.36 -14.76 -1.12
N GLU A 258 6.71 -16.04 -1.27
CA GLU A 258 7.49 -16.49 -2.42
CA GLU A 258 7.53 -16.41 -2.40
C GLU A 258 6.73 -16.29 -3.71
N ARG A 259 5.42 -16.62 -3.70
CA ARG A 259 4.63 -16.46 -4.89
CA ARG A 259 4.60 -16.47 -4.89
CA ARG A 259 4.60 -16.44 -4.89
C ARG A 259 4.52 -14.99 -5.28
N VAL A 260 4.35 -14.10 -4.29
CA VAL A 260 4.27 -12.68 -4.59
C VAL A 260 5.60 -12.17 -5.12
N THR A 261 6.70 -12.53 -4.46
CA THR A 261 8.02 -12.13 -4.94
C THR A 261 8.24 -12.56 -6.39
N GLN A 262 7.86 -13.80 -6.71
CA GLN A 262 8.15 -14.28 -8.07
CA GLN A 262 7.98 -14.37 -8.06
C GLN A 262 7.22 -13.56 -9.07
N ALA A 263 5.96 -13.32 -8.74
CA ALA A 263 5.07 -12.60 -9.67
C ALA A 263 5.63 -11.20 -9.95
N ILE A 264 6.10 -10.51 -8.90
CA ILE A 264 6.64 -9.18 -9.09
C ILE A 264 7.96 -9.25 -9.91
N ARG A 265 8.85 -10.20 -9.54
CA ARG A 265 10.12 -10.31 -10.24
C ARG A 265 9.92 -10.52 -11.73
N GLU A 266 9.07 -11.48 -12.08
CA GLU A 266 8.97 -11.78 -13.49
CA GLU A 266 8.73 -11.85 -13.47
C GLU A 266 8.28 -10.63 -14.25
N TRP A 267 7.34 -9.91 -13.63
CA TRP A 267 6.73 -8.76 -14.27
C TRP A 267 7.74 -7.63 -14.43
N LEU A 268 8.52 -7.36 -13.41
CA LEU A 268 9.54 -6.31 -13.50
C LEU A 268 10.50 -6.59 -14.65
N ARG A 269 10.86 -7.84 -14.89
CA ARG A 269 11.71 -8.18 -16.04
C ARG A 269 11.03 -7.80 -17.37
N LYS A 270 9.73 -8.05 -17.49
CA LYS A 270 8.97 -7.65 -18.70
CA LYS A 270 8.97 -7.64 -18.68
C LYS A 270 8.96 -6.13 -18.86
N VAL A 271 8.75 -5.43 -17.77
CA VAL A 271 8.65 -3.97 -17.85
C VAL A 271 9.96 -3.45 -18.34
N HIS A 272 11.03 -3.98 -17.76
CA HIS A 272 12.34 -3.59 -18.18
C HIS A 272 12.63 -3.86 -19.67
N THR A 273 12.23 -5.03 -20.17
CA THR A 273 12.45 -5.38 -21.56
C THR A 273 11.63 -4.49 -22.52
N GLU A 274 10.37 -4.25 -22.18
CA GLU A 274 9.47 -3.40 -22.98
CA GLU A 274 9.48 -3.39 -22.99
C GLU A 274 9.98 -1.96 -23.02
N ALA A 275 10.53 -1.48 -21.90
CA ALA A 275 11.09 -0.13 -21.84
C ALA A 275 12.38 -0.06 -22.64
#